data_6Y74
#
_entry.id   6Y74
#
_cell.length_a   113.930
_cell.length_b   78.340
_cell.length_c   74.320
_cell.angle_alpha   90.000
_cell.angle_beta   128.220
_cell.angle_gamma   90.000
#
_symmetry.space_group_name_H-M   'C 1 2 1'
#
loop_
_entity.id
_entity.type
_entity.pdbx_description
1 polymer 'Carbonic anhydrase 9'
2 branched beta-D-mannopyranose-(1-4)-2-acetamido-2-deoxy-beta-D-glucopyranose-(1-4)-2-acetamido-2-deoxy-beta-D-glucopyranose
3 branched 2-acetamido-2-deoxy-beta-D-glucopyranose-(1-4)-2-acetamido-2-deoxy-beta-D-glucopyranose
4 non-polymer 'ZINC ION'
5 non-polymer 'CHLORIDE ION'
6 non-polymer 'ACETATE ION'
7 water water
#
_entity_poly.entity_id   1
_entity_poly.type   'polypeptide(L)'
_entity_poly.pdbx_seq_one_letter_code
;DQSHWRYGGDPPWPRVSPACAGRFQSPVDIRPQLAAFCPALRPLELLGFQLPPLPELRLRNNGHSVQLTLPPGLEMALGP
GREYRALQLHLHWGAAGRPGSEHTVEGHRFPAEIHVVHLSTAFARVDEALGRPGGLAVLAAFLEEGPEENSAYEQLLSRL
EEIAEEGSETQVPGLDISALLPSDFSRYFQYEGSLTTPPCAQGVIWTVFNQTVMLSAKQLHTLSDTLWGPGDSRLQLNFR
ATQPLNGRVIEASFPAGV
;
_entity_poly.pdbx_strand_id   A,B
#
# COMPACT_ATOMS: atom_id res chain seq x y z
N ASP A 1 20.36 11.53 -6.53
CA ASP A 1 19.67 10.43 -5.89
C ASP A 1 19.10 10.84 -4.53
N GLN A 2 17.76 11.00 -4.54
CA GLN A 2 16.93 11.51 -3.45
C GLN A 2 16.71 10.45 -2.38
N SER A 3 17.34 9.30 -2.50
CA SER A 3 16.95 8.17 -1.67
C SER A 3 18.18 7.36 -1.22
N HIS A 4 19.36 7.97 -1.25
CA HIS A 4 20.55 7.25 -0.83
C HIS A 4 21.20 7.90 0.40
N TRP A 5 21.63 7.06 1.31
CA TRP A 5 22.11 7.47 2.61
C TRP A 5 22.91 6.27 3.09
N ARG A 6 23.67 6.45 4.16
CA ARG A 6 24.45 5.36 4.70
C ARG A 6 24.55 5.54 6.21
N TYR A 7 25.05 4.49 6.88
CA TYR A 7 25.39 4.57 8.30
C TYR A 7 26.84 5.04 8.39
N GLY A 8 27.12 5.83 9.42
CA GLY A 8 28.48 6.20 9.74
C GLY A 8 29.10 7.33 8.93
N GLY A 9 28.32 8.12 8.19
CA GLY A 9 28.89 9.26 7.50
C GLY A 9 27.91 9.94 6.56
N ASP A 10 28.46 10.86 5.77
CA ASP A 10 27.73 11.70 4.84
C ASP A 10 26.97 10.87 3.81
N PRO A 11 25.85 11.38 3.25
CA PRO A 11 25.22 12.69 3.49
C PRO A 11 24.53 12.73 4.86
N PRO A 12 24.55 13.87 5.53
CA PRO A 12 23.84 13.97 6.81
C PRO A 12 22.38 13.66 6.58
N TRP A 13 21.79 12.91 7.51
CA TRP A 13 20.43 12.45 7.29
C TRP A 13 19.42 13.58 7.17
N PRO A 14 19.52 14.69 7.90
CA PRO A 14 18.55 15.78 7.69
C PRO A 14 18.59 16.37 6.28
N ARG A 15 19.72 16.26 5.58
CA ARG A 15 19.76 16.67 4.17
C ARG A 15 18.99 15.68 3.29
N VAL A 16 19.08 14.40 3.61
CA VAL A 16 18.31 13.40 2.86
C VAL A 16 16.82 13.56 3.13
N SER A 17 16.47 13.70 4.42
CA SER A 17 15.07 13.85 4.83
CA SER A 17 15.08 13.84 4.82
C SER A 17 15.03 14.79 6.01
N PRO A 18 14.57 16.02 5.83
CA PRO A 18 14.49 16.95 6.97
C PRO A 18 13.80 16.37 8.19
N ALA A 19 12.86 15.44 8.00
CA ALA A 19 12.17 14.84 9.14
C ALA A 19 13.12 14.13 10.10
N CYS A 20 14.32 13.78 9.64
CA CYS A 20 15.30 13.18 10.54
C CYS A 20 15.84 14.14 11.61
N ALA A 21 15.60 15.46 11.47
CA ALA A 21 15.93 16.44 12.49
C ALA A 21 14.78 16.67 13.47
N GLY A 22 13.77 15.80 13.46
CA GLY A 22 12.60 15.98 14.30
C GLY A 22 12.89 15.79 15.77
N ARG A 23 11.88 16.15 16.56
CA ARG A 23 11.96 16.13 18.02
CA ARG A 23 12.00 16.12 18.01
C ARG A 23 11.54 14.80 18.62
N PHE A 24 10.85 13.94 17.88
CA PHE A 24 10.29 12.70 18.44
C PHE A 24 10.79 11.52 17.60
N GLN A 25 12.09 11.32 17.66
CA GLN A 25 12.76 10.32 16.83
C GLN A 25 13.01 9.05 17.61
N SER A 26 13.31 8.00 16.86
CA SER A 26 13.69 6.70 17.38
C SER A 26 15.08 6.35 16.85
N PRO A 27 15.78 5.43 17.50
CA PRO A 27 15.41 4.76 18.74
C PRO A 27 15.68 5.60 19.98
N VAL A 28 15.38 5.02 21.14
CA VAL A 28 15.57 5.70 22.42
C VAL A 28 16.17 4.72 23.42
N ASP A 29 16.71 5.28 24.49
CA ASP A 29 17.19 4.54 25.65
C ASP A 29 16.02 4.33 26.60
N ILE A 30 15.73 3.07 26.89
CA ILE A 30 14.60 2.69 27.74
C ILE A 30 15.14 2.61 29.16
N ARG A 31 14.53 3.34 30.08
CA ARG A 31 14.94 3.29 31.48
C ARG A 31 13.77 2.75 32.29
N PRO A 32 13.80 1.46 32.60
CA PRO A 32 12.60 0.80 33.18
C PRO A 32 12.10 1.45 34.45
N GLN A 33 12.98 1.97 35.29
CA GLN A 33 12.62 2.58 36.50
C GLN A 33 11.74 3.88 36.26
N LEU A 34 11.89 4.48 35.07
CA LEU A 34 11.19 5.72 34.73
C LEU A 34 10.06 5.49 33.74
N ALA A 35 9.84 4.26 33.32
CA ALA A 35 8.72 3.97 32.45
C ALA A 35 7.45 3.98 33.28
N ALA A 36 6.37 4.47 32.70
CA ALA A 36 5.09 4.58 33.39
C ALA A 36 4.29 3.31 33.18
N PHE A 37 3.90 2.65 34.26
CA PHE A 37 3.04 1.48 34.16
C PHE A 37 1.64 1.88 33.73
N CYS A 38 1.15 1.28 32.65
CA CYS A 38 -0.19 1.53 32.14
CA CYS A 38 -0.19 1.53 32.14
C CYS A 38 -0.95 0.21 32.04
N PRO A 39 -1.92 -0.05 32.92
CA PRO A 39 -2.57 -1.37 32.92
C PRO A 39 -3.48 -1.59 31.75
N ALA A 40 -3.88 -0.54 31.04
CA ALA A 40 -4.65 -0.76 29.82
C ALA A 40 -3.85 -1.45 28.73
N LEU A 41 -2.53 -1.53 28.91
CA LEU A 41 -1.67 -2.17 27.92
C LEU A 41 -1.74 -3.69 28.01
N ARG A 42 -2.82 -4.25 27.48
CA ARG A 42 -2.98 -5.71 27.30
CA ARG A 42 -2.87 -5.78 27.28
C ARG A 42 -2.05 -6.63 26.39
N PRO A 43 -1.92 -7.93 26.64
CA PRO A 43 -1.02 -8.79 25.84
C PRO A 43 -1.27 -8.64 24.36
N LEU A 44 -0.21 -8.52 23.58
CA LEU A 44 -0.32 -8.37 22.14
C LEU A 44 -0.98 -9.61 21.55
N GLU A 45 -1.71 -9.41 20.46
CA GLU A 45 -2.33 -10.54 19.76
C GLU A 45 -1.86 -10.56 18.30
N LEU A 46 -1.27 -11.69 17.89
CA LEU A 46 -0.74 -11.88 16.54
CA LEU A 46 -0.73 -11.89 16.55
C LEU A 46 -1.57 -12.94 15.83
N LEU A 47 -2.13 -12.58 14.69
CA LEU A 47 -2.97 -13.49 13.90
C LEU A 47 -2.31 -13.74 12.56
N GLY A 48 -2.26 -15.01 12.14
CA GLY A 48 -1.75 -15.34 10.82
C GLY A 48 -0.24 -15.40 10.67
N PHE A 49 0.51 -15.38 11.78
CA PHE A 49 1.98 -15.36 11.71
C PHE A 49 2.60 -16.75 11.49
N GLN A 50 1.83 -17.83 11.66
CA GLN A 50 2.39 -19.17 11.47
C GLN A 50 2.15 -19.57 10.03
N LEU A 51 3.17 -19.30 9.15
CA LEU A 51 2.96 -19.46 7.72
C LEU A 51 3.31 -20.87 7.27
N PRO A 52 2.58 -21.37 6.27
CA PRO A 52 2.97 -22.62 5.60
C PRO A 52 4.09 -22.35 4.60
N PRO A 53 4.72 -23.39 4.05
CA PRO A 53 5.90 -23.14 3.21
C PRO A 53 5.58 -22.37 1.94
N LEU A 54 4.39 -22.54 1.40
CA LEU A 54 3.98 -21.85 0.20
C LEU A 54 2.78 -20.95 0.49
N PRO A 55 2.76 -19.72 -0.01
CA PRO A 55 3.77 -19.13 -0.91
C PRO A 55 5.11 -18.79 -0.23
N GLU A 56 6.16 -18.73 -1.05
CA GLU A 56 7.48 -18.31 -0.57
C GLU A 56 7.50 -16.79 -0.37
N LEU A 57 8.53 -16.34 0.33
CA LEU A 57 8.69 -14.95 0.75
CA LEU A 57 8.71 -14.96 0.77
C LEU A 57 9.99 -14.38 0.18
N ARG A 58 9.95 -13.14 -0.24
CA ARG A 58 11.16 -12.49 -0.74
C ARG A 58 12.11 -12.14 0.42
N LEU A 59 13.39 -12.46 0.27
CA LEU A 59 14.43 -12.10 1.24
C LEU A 59 15.50 -11.34 0.48
N ARG A 60 15.75 -10.07 0.88
CA ARG A 60 16.56 -9.18 0.08
C ARG A 60 17.59 -8.45 0.92
N ASN A 61 18.80 -8.34 0.36
CA ASN A 61 19.84 -7.46 0.88
C ASN A 61 19.61 -6.10 0.21
N ASN A 62 19.08 -5.14 0.94
CA ASN A 62 18.82 -3.83 0.40
C ASN A 62 19.95 -2.83 0.59
N GLY A 63 21.09 -3.29 1.10
CA GLY A 63 22.21 -2.42 1.36
C GLY A 63 22.23 -1.90 2.78
N HIS A 64 21.05 -1.77 3.38
CA HIS A 64 20.83 -1.39 4.73
CA HIS A 64 20.63 -1.36 4.71
C HIS A 64 20.41 -2.40 5.94
N SER A 65 19.98 -3.55 5.47
CA SER A 65 19.62 -4.66 6.30
C SER A 65 19.25 -5.83 5.40
N VAL A 66 18.90 -6.94 5.98
CA VAL A 66 18.25 -7.96 5.23
C VAL A 66 16.78 -7.84 5.58
N GLN A 67 15.96 -7.78 4.54
CA GLN A 67 14.53 -7.59 4.73
C GLN A 67 13.73 -8.74 4.16
N LEU A 68 12.79 -9.24 4.97
CA LEU A 68 11.89 -10.31 4.59
C LEU A 68 10.51 -9.72 4.33
N THR A 69 10.00 -9.90 3.10
CA THR A 69 8.65 -9.40 2.79
C THR A 69 7.62 -10.38 3.27
N LEU A 70 6.63 -9.87 4.11
CA LEU A 70 5.63 -10.74 4.67
C LEU A 70 4.39 -10.75 3.78
N PRO A 71 3.71 -11.90 3.71
CA PRO A 71 2.52 -12.02 2.82
C PRO A 71 1.33 -11.32 3.43
N PRO A 72 0.21 -11.21 2.71
CA PRO A 72 -1.04 -10.69 3.32
C PRO A 72 -1.53 -11.53 4.48
N GLY A 73 -2.36 -10.90 5.30
CA GLY A 73 -3.09 -11.62 6.32
C GLY A 73 -2.44 -11.69 7.69
N LEU A 74 -1.28 -11.07 7.89
CA LEU A 74 -0.68 -11.06 9.22
C LEU A 74 -1.16 -9.82 9.96
N GLU A 75 -1.85 -10.04 11.08
CA GLU A 75 -2.47 -8.96 11.82
C GLU A 75 -1.91 -8.89 13.22
N MET A 76 -1.62 -7.69 13.68
CA MET A 76 -1.10 -7.46 15.01
CA MET A 76 -1.11 -7.45 15.04
C MET A 76 -2.04 -6.44 15.69
N ALA A 77 -2.57 -6.81 16.85
CA ALA A 77 -3.42 -5.91 17.63
C ALA A 77 -2.62 -5.38 18.81
N LEU A 78 -2.47 -4.06 18.86
CA LEU A 78 -1.98 -3.45 20.10
C LEU A 78 -3.07 -3.39 21.13
N GLY A 79 -4.32 -3.56 20.70
CA GLY A 79 -5.46 -3.47 21.56
C GLY A 79 -6.65 -3.42 20.63
N PRO A 80 -7.85 -3.62 21.14
CA PRO A 80 -9.02 -3.39 20.28
C PRO A 80 -9.00 -1.92 19.84
N GLY A 81 -9.27 -1.69 18.57
CA GLY A 81 -9.14 -0.33 18.07
C GLY A 81 -7.73 0.12 17.72
N ARG A 82 -6.73 -0.73 17.87
CA ARG A 82 -5.38 -0.45 17.40
C ARG A 82 -4.86 -1.67 16.62
N GLU A 83 -5.44 -1.85 15.48
CA GLU A 83 -5.09 -3.03 14.59
CA GLU A 83 -5.12 -3.03 14.63
C GLU A 83 -4.17 -2.75 13.33
N TYR A 84 -3.20 -3.61 13.11
CA TYR A 84 -2.14 -3.32 12.18
C TYR A 84 -1.92 -4.53 11.26
N ARG A 85 -1.42 -4.29 10.06
CA ARG A 85 -1.13 -5.38 9.13
C ARG A 85 0.38 -5.45 8.90
N ALA A 86 0.98 -6.63 9.10
CA ALA A 86 2.43 -6.71 8.99
C ALA A 86 2.90 -6.67 7.53
N LEU A 87 3.96 -5.92 7.27
CA LEU A 87 4.52 -5.70 5.94
C LEU A 87 5.82 -6.43 5.70
N GLN A 88 6.75 -6.33 6.65
CA GLN A 88 8.09 -6.79 6.40
C GLN A 88 8.78 -6.84 7.74
N LEU A 89 9.82 -7.64 7.84
CA LEU A 89 10.73 -7.53 8.98
C LEU A 89 12.16 -7.40 8.49
N HIS A 90 13.01 -6.84 9.37
CA HIS A 90 14.43 -6.69 9.05
C HIS A 90 15.18 -6.59 10.37
N LEU A 91 16.51 -6.51 10.27
CA LEU A 91 17.35 -6.64 11.45
C LEU A 91 18.39 -5.53 11.49
N HIS A 92 18.90 -5.29 12.70
CA HIS A 92 19.97 -4.34 12.94
C HIS A 92 21.03 -5.06 13.77
N TRP A 93 22.31 -4.84 13.46
CA TRP A 93 23.37 -5.60 14.11
C TRP A 93 24.66 -4.79 14.16
N GLY A 94 25.67 -5.39 14.81
CA GLY A 94 26.94 -4.72 15.07
C GLY A 94 28.05 -5.22 14.17
N ALA A 95 29.14 -5.62 14.82
CA ALA A 95 30.31 -6.15 14.13
C ALA A 95 31.12 -6.92 15.17
N ALA A 96 32.16 -7.60 14.70
CA ALA A 96 33.17 -8.20 15.57
C ALA A 96 33.42 -7.36 16.81
N GLY A 97 33.11 -7.93 17.97
CA GLY A 97 33.29 -7.23 19.24
C GLY A 97 32.38 -6.04 19.50
N ARG A 98 31.23 -5.93 18.80
CA ARG A 98 30.45 -4.70 18.92
C ARG A 98 28.96 -5.02 18.80
N PRO A 99 28.18 -4.74 19.84
CA PRO A 99 26.72 -4.92 19.74
C PRO A 99 26.10 -3.86 18.83
N GLY A 100 24.91 -4.20 18.31
CA GLY A 100 24.28 -3.33 17.35
C GLY A 100 22.77 -3.24 17.43
N SER A 101 22.18 -3.47 18.60
CA SER A 101 20.76 -3.15 18.71
C SER A 101 20.57 -1.63 18.58
N GLU A 102 19.34 -1.26 18.23
CA GLU A 102 18.99 0.17 18.12
C GLU A 102 18.50 0.74 19.45
N HIS A 103 17.50 0.15 20.07
CA HIS A 103 17.13 0.52 21.41
C HIS A 103 18.18 0.06 22.39
N THR A 104 18.28 0.78 23.49
CA THR A 104 19.13 0.35 24.58
C THR A 104 18.28 0.30 25.85
N VAL A 105 18.78 -0.41 26.88
CA VAL A 105 18.07 -0.45 28.17
C VAL A 105 19.07 -0.02 29.23
N GLU A 106 18.77 1.11 29.89
CA GLU A 106 19.71 1.74 30.84
C GLU A 106 21.11 1.82 30.24
N GLY A 107 21.20 2.22 28.96
CA GLY A 107 22.45 2.39 28.28
C GLY A 107 23.08 1.12 27.74
N HIS A 108 22.49 -0.03 28.03
CA HIS A 108 23.03 -1.30 27.55
C HIS A 108 22.53 -1.58 26.14
N ARG A 109 23.48 -1.81 25.21
CA ARG A 109 23.21 -2.20 23.84
C ARG A 109 23.32 -3.72 23.71
N PHE A 110 22.30 -4.33 23.09
CA PHE A 110 22.25 -5.77 22.89
C PHE A 110 22.87 -6.15 21.56
N PRO A 111 23.24 -7.41 21.38
CA PRO A 111 23.92 -7.79 20.13
C PRO A 111 23.17 -7.37 18.87
N ALA A 112 21.84 -7.55 18.80
CA ALA A 112 21.11 -7.23 17.56
C ALA A 112 19.65 -6.98 17.92
N GLU A 113 18.85 -6.58 16.90
CA GLU A 113 17.46 -6.25 17.14
C GLU A 113 16.66 -6.60 15.88
N ILE A 114 15.47 -7.19 16.07
CA ILE A 114 14.57 -7.47 14.96
C ILE A 114 13.45 -6.45 14.99
N HIS A 115 13.09 -5.93 13.81
CA HIS A 115 11.94 -5.04 13.65
C HIS A 115 10.92 -5.67 12.72
N VAL A 116 9.66 -5.71 13.17
CA VAL A 116 8.54 -6.12 12.29
C VAL A 116 7.66 -4.88 12.06
N VAL A 117 7.59 -4.41 10.80
CA VAL A 117 6.96 -3.14 10.47
C VAL A 117 5.55 -3.39 10.00
N HIS A 118 4.58 -2.60 10.52
CA HIS A 118 3.14 -2.80 10.25
C HIS A 118 2.48 -1.51 9.82
N LEU A 119 1.42 -1.64 9.02
CA LEU A 119 0.55 -0.52 8.60
C LEU A 119 -0.79 -0.56 9.31
N SER A 120 -1.20 0.56 9.88
CA SER A 120 -2.53 0.63 10.49
C SER A 120 -3.60 0.24 9.48
N THR A 121 -4.64 -0.43 9.96
CA THR A 121 -5.74 -0.83 9.07
C THR A 121 -6.49 0.37 8.50
N ALA A 122 -6.24 1.59 9.01
CA ALA A 122 -6.85 2.79 8.45
C ALA A 122 -6.35 3.09 7.04
N PHE A 123 -5.24 2.49 6.62
CA PHE A 123 -4.55 2.87 5.40
C PHE A 123 -4.43 1.73 4.41
N ALA A 124 -4.53 2.08 3.15
CA ALA A 124 -4.32 1.16 2.05
C ALA A 124 -2.95 1.35 1.41
N ARG A 125 -2.20 2.36 1.84
CA ARG A 125 -0.94 2.76 1.20
C ARG A 125 0.06 3.18 2.27
N VAL A 126 1.20 2.48 2.35
CA VAL A 126 2.20 2.84 3.36
C VAL A 126 2.59 4.31 3.27
N ASP A 127 2.70 4.85 2.05
CA ASP A 127 3.21 6.22 1.92
C ASP A 127 2.27 7.22 2.55
N GLU A 128 0.95 6.93 2.59
CA GLU A 128 0.00 7.86 3.19
C GLU A 128 0.08 7.86 4.69
N ALA A 129 0.63 6.81 5.28
CA ALA A 129 0.70 6.70 6.71
C ALA A 129 1.91 7.42 7.27
N LEU A 130 2.90 7.71 6.42
CA LEU A 130 4.13 8.31 6.92
C LEU A 130 3.83 9.64 7.57
N GLY A 131 4.30 9.78 8.81
CA GLY A 131 4.18 11.01 9.54
C GLY A 131 2.86 11.19 10.26
N ARG A 132 1.94 10.31 10.00
CA ARG A 132 0.66 10.38 10.72
CA ARG A 132 0.68 10.41 10.70
C ARG A 132 0.63 9.53 12.12
N PRO A 133 0.07 10.14 13.10
CA PRO A 133 0.13 9.50 14.42
C PRO A 133 -0.53 8.12 14.38
N GLY A 134 0.27 7.11 14.71
CA GLY A 134 -0.20 5.74 14.72
C GLY A 134 -0.34 5.10 13.36
N GLY A 135 0.14 5.77 12.31
CA GLY A 135 0.00 5.20 10.97
C GLY A 135 0.77 3.92 10.78
N LEU A 136 1.98 3.86 11.33
CA LEU A 136 2.84 2.68 11.32
C LEU A 136 3.07 2.23 12.74
N ALA A 137 3.28 0.94 12.90
CA ALA A 137 3.66 0.37 14.18
C ALA A 137 4.79 -0.61 13.96
N VAL A 138 5.78 -0.58 14.84
CA VAL A 138 6.91 -1.51 14.75
C VAL A 138 6.96 -2.33 16.03
N LEU A 139 7.07 -3.65 15.88
CA LEU A 139 7.38 -4.55 16.99
C LEU A 139 8.86 -4.82 16.98
N ALA A 140 9.51 -4.63 18.14
CA ALA A 140 10.97 -4.78 18.22
C ALA A 140 11.32 -5.75 19.32
N ALA A 141 12.29 -6.62 19.05
CA ALA A 141 12.82 -7.49 20.09
C ALA A 141 14.34 -7.49 20.02
N PHE A 142 14.96 -7.62 21.19
CA PHE A 142 16.41 -7.76 21.25
C PHE A 142 16.85 -9.18 21.01
N LEU A 143 17.96 -9.32 20.32
CA LEU A 143 18.60 -10.60 20.10
CA LEU A 143 18.60 -10.60 20.10
C LEU A 143 19.84 -10.63 20.98
N GLU A 144 19.88 -11.59 21.91
CA GLU A 144 20.95 -11.73 22.89
C GLU A 144 21.78 -12.96 22.54
N GLU A 145 23.01 -12.95 23.01
CA GLU A 145 23.92 -14.07 22.83
C GLU A 145 23.67 -15.17 23.88
N GLY A 146 23.53 -16.41 23.42
CA GLY A 146 23.35 -17.53 24.30
C GLY A 146 24.11 -18.75 23.79
N PRO A 147 24.13 -19.85 24.58
CA PRO A 147 24.90 -21.02 24.19
C PRO A 147 24.32 -21.90 23.09
N GLU A 148 23.00 -21.85 22.84
CA GLU A 148 22.34 -22.76 21.90
C GLU A 148 21.99 -22.08 20.58
N GLU A 149 22.07 -22.83 19.50
CA GLU A 149 21.57 -22.35 18.21
C GLU A 149 20.07 -22.16 18.26
N ASN A 150 19.59 -21.07 17.66
CA ASN A 150 18.16 -20.80 17.54
C ASN A 150 17.65 -21.36 16.21
N SER A 151 16.84 -22.43 16.25
CA SER A 151 16.49 -23.08 14.99
CA SER A 151 16.47 -23.09 14.99
C SER A 151 15.55 -22.22 14.15
N ALA A 152 14.71 -21.41 14.79
CA ALA A 152 13.84 -20.55 14.00
C ALA A 152 14.65 -19.53 13.20
N TYR A 153 15.67 -18.93 13.83
CA TYR A 153 16.46 -17.96 13.10
C TYR A 153 17.35 -18.61 12.05
N GLU A 154 17.76 -19.87 12.27
CA GLU A 154 18.62 -20.54 11.30
C GLU A 154 17.96 -20.63 9.94
N GLN A 155 16.63 -20.62 9.88
CA GLN A 155 15.93 -20.69 8.60
C GLN A 155 16.28 -19.51 7.70
N LEU A 156 16.47 -18.33 8.30
CA LEU A 156 16.85 -17.15 7.55
C LEU A 156 18.37 -17.00 7.50
N LEU A 157 19.08 -17.21 8.62
CA LEU A 157 20.51 -16.92 8.60
C LEU A 157 21.25 -17.84 7.65
N SER A 158 20.79 -19.08 7.49
CA SER A 158 21.44 -19.98 6.56
C SER A 158 21.27 -19.56 5.11
N ARG A 159 20.40 -18.59 4.81
CA ARG A 159 20.21 -18.13 3.44
C ARG A 159 20.93 -16.83 3.15
N LEU A 160 21.58 -16.21 4.15
CA LEU A 160 22.20 -14.93 3.86
C LEU A 160 23.32 -15.04 2.84
N GLU A 161 24.04 -16.16 2.83
CA GLU A 161 25.11 -16.34 1.84
C GLU A 161 24.59 -16.13 0.41
N GLU A 162 23.34 -16.54 0.14
CA GLU A 162 22.76 -16.40 -1.19
C GLU A 162 22.50 -14.95 -1.58
N ILE A 163 22.45 -14.03 -0.62
CA ILE A 163 22.14 -12.63 -0.92
C ILE A 163 23.25 -11.75 -0.37
N ALA A 164 24.49 -12.24 -0.39
CA ALA A 164 25.59 -11.44 0.13
C ALA A 164 25.76 -10.12 -0.61
N GLU A 165 25.57 -10.11 -1.92
CA GLU A 165 25.82 -8.88 -2.66
C GLU A 165 24.67 -7.89 -2.47
N GLU A 166 25.02 -6.61 -2.35
CA GLU A 166 23.98 -5.60 -2.20
C GLU A 166 23.02 -5.67 -3.38
N GLY A 167 21.73 -5.54 -3.08
CA GLY A 167 20.69 -5.59 -4.09
C GLY A 167 20.22 -7.00 -4.44
N SER A 168 20.92 -8.03 -3.98
CA SER A 168 20.50 -9.37 -4.40
CA SER A 168 20.59 -9.41 -4.31
C SER A 168 19.40 -9.90 -3.47
N GLU A 169 18.59 -10.80 -4.04
CA GLU A 169 17.45 -11.34 -3.34
C GLU A 169 17.23 -12.79 -3.70
N THR A 170 16.47 -13.47 -2.89
CA THR A 170 16.13 -14.85 -3.10
C THR A 170 14.73 -15.07 -2.51
N GLN A 171 14.20 -16.27 -2.63
CA GLN A 171 12.90 -16.64 -2.09
C GLN A 171 13.11 -17.74 -1.07
N VAL A 172 12.44 -17.61 0.08
CA VAL A 172 12.52 -18.58 1.16
C VAL A 172 11.12 -19.10 1.48
N PRO A 173 10.99 -20.35 1.94
CA PRO A 173 9.67 -20.85 2.29
C PRO A 173 9.09 -20.08 3.48
N GLY A 174 7.77 -20.00 3.51
CA GLY A 174 7.09 -19.51 4.69
C GLY A 174 7.50 -20.29 5.93
N LEU A 175 7.50 -19.59 7.05
CA LEU A 175 7.98 -20.10 8.33
C LEU A 175 7.12 -19.47 9.41
N ASP A 176 7.31 -19.90 10.66
CA ASP A 176 6.53 -19.34 11.77
C ASP A 176 7.22 -18.04 12.18
N ILE A 177 6.66 -16.92 11.71
CA ILE A 177 7.23 -15.61 12.03
C ILE A 177 7.20 -15.33 13.53
N SER A 178 6.14 -15.79 14.22
CA SER A 178 6.08 -15.55 15.65
C SER A 178 7.18 -16.31 16.42
N ALA A 179 7.78 -17.36 15.85
CA ALA A 179 8.91 -18.00 16.50
C ALA A 179 10.21 -17.19 16.41
N LEU A 180 10.22 -16.07 15.65
CA LEU A 180 11.34 -15.13 15.68
C LEU A 180 11.21 -14.12 16.81
N LEU A 181 10.11 -14.14 17.52
CA LEU A 181 9.84 -13.17 18.57
C LEU A 181 9.77 -13.87 19.91
N PRO A 182 9.85 -13.12 21.00
CA PRO A 182 9.73 -13.73 22.34
C PRO A 182 8.35 -14.36 22.53
N SER A 183 8.30 -15.29 23.49
CA SER A 183 7.04 -15.98 23.83
CA SER A 183 7.03 -15.96 23.80
C SER A 183 6.14 -15.15 24.74
N ASP A 184 6.71 -14.20 25.49
CA ASP A 184 5.92 -13.38 26.41
C ASP A 184 5.39 -12.16 25.67
N PHE A 185 4.09 -12.17 25.37
CA PHE A 185 3.41 -11.06 24.72
C PHE A 185 2.90 -10.04 25.73
N SER A 186 3.10 -10.29 27.03
CA SER A 186 2.46 -9.45 28.05
C SER A 186 3.35 -8.36 28.60
N ARG A 187 4.67 -8.47 28.43
CA ARG A 187 5.64 -7.54 29.01
CA ARG A 187 5.64 -7.54 29.01
C ARG A 187 6.37 -6.79 27.91
N TYR A 188 6.04 -5.51 27.75
CA TYR A 188 6.66 -4.71 26.69
C TYR A 188 6.63 -3.24 27.08
N PHE A 189 7.48 -2.45 26.41
CA PHE A 189 7.50 -0.99 26.49
C PHE A 189 6.87 -0.42 25.24
N GLN A 190 6.28 0.78 25.36
CA GLN A 190 5.59 1.34 24.20
C GLN A 190 5.74 2.85 24.22
N TYR A 191 6.05 3.44 23.07
CA TYR A 191 6.18 4.90 22.96
C TYR A 191 6.01 5.30 21.51
N GLU A 192 5.88 6.61 21.28
CA GLU A 192 5.68 7.15 19.94
C GLU A 192 6.99 7.76 19.44
N GLY A 193 7.42 7.33 18.26
CA GLY A 193 8.71 7.76 17.71
C GLY A 193 8.66 7.85 16.20
N SER A 194 9.73 7.40 15.56
CA SER A 194 9.92 7.59 14.13
C SER A 194 10.48 6.31 13.51
N LEU A 195 10.50 6.29 12.18
CA LEU A 195 11.37 5.32 11.52
C LEU A 195 12.82 5.64 11.86
N THR A 196 13.66 4.59 11.98
CA THR A 196 15.07 4.79 12.40
C THR A 196 16.00 4.92 11.21
N THR A 197 15.48 5.02 10.00
CA THR A 197 16.22 5.31 8.79
C THR A 197 15.46 6.39 8.04
N PRO A 198 16.14 7.10 7.13
CA PRO A 198 15.44 8.02 6.25
C PRO A 198 14.29 7.32 5.57
N PRO A 199 13.09 7.92 5.53
CA PRO A 199 12.81 9.35 5.79
C PRO A 199 12.57 9.78 7.26
N CYS A 200 12.73 8.88 8.22
CA CYS A 200 12.63 9.23 9.65
C CYS A 200 11.28 9.79 10.03
N ALA A 201 10.23 9.34 9.36
CA ALA A 201 8.90 9.94 9.57
C ALA A 201 8.38 9.61 10.97
N GLN A 202 7.77 10.61 11.62
CA GLN A 202 7.29 10.48 12.99
C GLN A 202 5.88 9.90 13.02
N GLY A 203 5.35 9.70 14.23
CA GLY A 203 4.04 9.10 14.45
C GLY A 203 4.04 7.59 14.53
N VAL A 204 5.21 6.96 14.57
CA VAL A 204 5.33 5.50 14.63
C VAL A 204 5.15 5.00 16.06
N ILE A 205 4.27 4.01 16.26
CA ILE A 205 4.10 3.42 17.59
C ILE A 205 5.09 2.28 17.72
N TRP A 206 6.03 2.43 18.64
CA TRP A 206 7.04 1.40 18.92
C TRP A 206 6.61 0.55 20.10
N THR A 207 6.72 -0.76 19.94
CA THR A 207 6.50 -1.72 21.02
C THR A 207 7.74 -2.57 21.13
N VAL A 208 8.40 -2.54 22.30
CA VAL A 208 9.68 -3.21 22.47
C VAL A 208 9.49 -4.27 23.54
N PHE A 209 9.64 -5.54 23.15
CA PHE A 209 9.54 -6.64 24.12
C PHE A 209 10.56 -6.51 25.25
N ASN A 210 10.10 -6.84 26.46
CA ASN A 210 10.98 -6.91 27.62
C ASN A 210 11.80 -8.23 27.63
N GLN A 211 11.24 -9.30 27.10
CA GLN A 211 11.94 -10.59 27.01
C GLN A 211 12.78 -10.64 25.74
N THR A 212 13.99 -11.19 25.83
CA THR A 212 14.89 -11.25 24.69
C THR A 212 14.77 -12.59 23.97
N VAL A 213 15.30 -12.64 22.72
CA VAL A 213 15.43 -13.90 22.00
CA VAL A 213 15.43 -13.88 21.95
C VAL A 213 16.91 -14.24 21.94
N MET A 214 17.23 -15.54 22.08
CA MET A 214 18.63 -15.96 22.16
CA MET A 214 18.63 -15.96 22.16
C MET A 214 19.11 -16.57 20.86
N LEU A 215 20.25 -16.09 20.37
CA LEU A 215 20.95 -16.65 19.23
C LEU A 215 22.31 -17.11 19.73
N SER A 216 22.89 -18.08 19.04
CA SER A 216 24.29 -18.42 19.36
C SER A 216 25.27 -17.35 18.85
N ALA A 217 26.48 -17.35 19.44
CA ALA A 217 27.54 -16.48 18.96
C ALA A 217 27.84 -16.75 17.49
N LYS A 218 27.79 -18.02 17.07
CA LYS A 218 28.00 -18.34 15.67
C LYS A 218 26.92 -17.71 14.79
N GLN A 219 25.65 -17.77 15.22
CA GLN A 219 24.58 -17.14 14.44
C GLN A 219 24.76 -15.62 14.38
N LEU A 220 25.13 -15.00 15.49
CA LEU A 220 25.32 -13.55 15.46
C LEU A 220 26.49 -13.16 14.55
N HIS A 221 27.53 -14.01 14.47
CA HIS A 221 28.59 -13.79 13.50
C HIS A 221 28.08 -13.94 12.07
N THR A 222 27.30 -14.97 11.78
CA THR A 222 26.69 -15.12 10.45
C THR A 222 25.90 -13.86 10.07
N LEU A 223 25.09 -13.36 10.99
CA LEU A 223 24.30 -12.15 10.71
C LEU A 223 25.18 -10.95 10.39
N SER A 224 26.25 -10.74 11.17
CA SER A 224 26.97 -9.48 11.04
C SER A 224 28.15 -9.56 10.08
N ASP A 225 28.47 -10.73 9.51
CA ASP A 225 29.65 -10.82 8.67
C ASP A 225 29.42 -11.49 7.33
N THR A 226 28.18 -11.53 6.84
CA THR A 226 27.88 -12.17 5.57
C THR A 226 27.53 -11.18 4.47
N LEU A 227 26.82 -10.10 4.81
CA LEU A 227 26.27 -9.23 3.80
C LEU A 227 27.22 -8.10 3.47
N TRP A 228 27.18 -7.66 2.22
CA TRP A 228 27.87 -6.47 1.74
C TRP A 228 26.89 -5.33 1.54
N GLY A 229 27.37 -4.11 1.79
CA GLY A 229 26.54 -2.94 1.74
C GLY A 229 26.87 -2.09 0.54
N PRO A 230 26.37 -0.86 0.52
CA PRO A 230 26.66 0.04 -0.61
C PRO A 230 28.14 0.38 -0.63
N GLY A 231 28.70 0.37 -1.84
CA GLY A 231 30.08 0.76 -1.98
C GLY A 231 31.08 -0.23 -1.41
N ASP A 232 30.80 -1.52 -1.46
CA ASP A 232 31.77 -2.63 -1.36
C ASP A 232 32.25 -2.99 0.05
N SER A 233 31.69 -2.43 1.12
CA SER A 233 32.15 -2.77 2.45
C SER A 233 31.13 -3.66 3.15
N ARG A 234 31.58 -4.38 4.17
CA ARG A 234 30.69 -5.26 4.89
C ARG A 234 29.54 -4.44 5.48
N LEU A 235 28.34 -5.00 5.37
CA LEU A 235 27.15 -4.39 5.99
C LEU A 235 27.20 -4.70 7.48
N GLN A 236 27.54 -3.69 8.28
CA GLN A 236 27.76 -3.85 9.71
C GLN A 236 27.41 -2.53 10.39
N LEU A 237 27.19 -2.59 11.70
CA LEU A 237 26.93 -1.41 12.51
C LEU A 237 25.78 -0.59 11.94
N ASN A 238 24.72 -1.30 11.50
CA ASN A 238 23.63 -0.65 10.79
C ASN A 238 22.54 -0.29 11.79
N PHE A 239 22.92 0.58 12.73
CA PHE A 239 21.98 1.11 13.72
C PHE A 239 22.23 2.61 13.90
N ARG A 240 21.18 3.29 14.37
CA ARG A 240 21.18 4.73 14.64
C ARG A 240 21.35 4.97 16.13
N ALA A 241 22.05 6.06 16.48
CA ALA A 241 22.17 6.46 17.87
C ALA A 241 20.80 6.75 18.48
N THR A 242 20.67 6.49 19.79
CA THR A 242 19.43 6.81 20.49
C THR A 242 19.23 8.32 20.55
N GLN A 243 17.98 8.72 20.66
CA GLN A 243 17.51 10.07 20.39
C GLN A 243 16.93 10.70 21.65
N PRO A 244 16.94 12.05 21.73
CA PRO A 244 16.37 12.75 22.90
C PRO A 244 14.88 12.44 23.07
N LEU A 245 14.46 12.26 24.33
CA LEU A 245 13.07 11.92 24.62
C LEU A 245 12.17 13.13 24.43
N ASN A 246 12.66 14.34 24.75
CA ASN A 246 11.93 15.58 24.54
C ASN A 246 10.54 15.52 25.16
N GLY A 247 10.50 15.04 26.39
CA GLY A 247 9.27 15.04 27.16
C GLY A 247 8.41 13.82 26.99
N ARG A 248 8.76 12.92 26.07
CA ARG A 248 7.96 11.73 25.88
C ARG A 248 8.10 10.80 27.09
N VAL A 249 7.01 10.13 27.45
CA VAL A 249 7.04 9.15 28.52
C VAL A 249 6.92 7.78 27.88
N ILE A 250 7.85 6.92 28.22
CA ILE A 250 7.78 5.54 27.75
C ILE A 250 6.86 4.79 28.69
N GLU A 251 5.90 4.05 28.13
CA GLU A 251 4.98 3.29 28.96
C GLU A 251 5.43 1.85 29.06
N ALA A 252 5.05 1.21 30.15
CA ALA A 252 5.32 -0.21 30.35
C ALA A 252 4.01 -0.95 30.60
N SER A 253 3.91 -2.16 30.06
CA SER A 253 2.71 -2.97 30.22
C SER A 253 2.72 -3.80 31.50
N PHE A 254 3.72 -3.59 32.34
CA PHE A 254 3.95 -4.40 33.54
C PHE A 254 4.64 -3.46 34.52
N PRO A 255 4.52 -3.71 35.83
CA PRO A 255 5.17 -2.80 36.80
C PRO A 255 6.67 -2.89 36.63
N ALA A 256 7.28 -1.88 36.02
CA ALA A 256 8.64 -2.03 35.53
C ALA A 256 9.66 -1.52 36.53
N GLY A 257 9.19 -0.86 37.58
CA GLY A 257 10.07 -0.33 38.61
C GLY A 257 10.57 -1.41 39.56
N VAL A 258 11.48 -1.03 40.45
CA VAL A 258 12.04 -1.97 41.41
C VAL A 258 11.82 -1.49 42.85
N ASP B 1 12.33 -2.36 -19.75
CA ASP B 1 11.57 -2.45 -18.50
C ASP B 1 10.07 -2.56 -18.77
N GLN B 2 9.45 -3.55 -18.13
CA GLN B 2 8.14 -4.12 -18.49
C GLN B 2 6.95 -3.27 -18.06
N SER B 3 7.18 -2.09 -17.49
CA SER B 3 6.08 -1.16 -17.17
C SER B 3 5.76 -0.24 -18.36
N HIS B 4 5.81 -0.78 -19.57
CA HIS B 4 5.89 -0.02 -20.81
C HIS B 4 4.87 -0.56 -21.79
N TRP B 5 3.91 0.27 -22.22
CA TRP B 5 2.83 -0.22 -23.07
C TRP B 5 2.06 0.96 -23.64
N ARG B 6 1.31 0.70 -24.72
CA ARG B 6 0.58 1.76 -25.42
C ARG B 6 -0.80 1.25 -25.84
N TYR B 7 -1.70 2.19 -26.14
CA TYR B 7 -2.98 1.86 -26.72
C TYR B 7 -2.81 1.73 -28.23
N GLY B 8 -3.37 0.67 -28.80
CA GLY B 8 -3.38 0.47 -30.24
C GLY B 8 -2.04 0.25 -30.91
N GLY B 9 -1.01 -0.17 -30.17
CA GLY B 9 0.30 -0.35 -30.78
C GLY B 9 1.17 -1.29 -29.99
N ASP B 10 2.36 -1.56 -30.55
N ASP B 10 2.37 -1.54 -30.54
CA ASP B 10 3.31 -2.46 -29.91
CA ASP B 10 3.33 -2.42 -29.91
C ASP B 10 3.78 -1.86 -28.58
C ASP B 10 3.79 -1.85 -28.57
N PRO B 11 4.16 -2.71 -27.60
CA PRO B 11 4.10 -4.17 -27.67
C PRO B 11 2.69 -4.75 -27.50
N PRO B 12 2.42 -5.88 -28.16
CA PRO B 12 1.15 -6.59 -27.93
C PRO B 12 1.01 -6.90 -26.45
N TRP B 13 -0.15 -6.62 -25.87
CA TRP B 13 -0.20 -6.62 -24.41
C TRP B 13 0.15 -7.97 -23.80
N PRO B 14 -0.22 -9.13 -24.35
CA PRO B 14 0.19 -10.39 -23.68
C PRO B 14 1.70 -10.56 -23.57
N ARG B 15 2.49 -9.84 -24.38
CA ARG B 15 3.93 -9.74 -24.13
C ARG B 15 4.24 -8.92 -22.88
N VAL B 16 3.64 -7.74 -22.77
CA VAL B 16 3.80 -6.94 -21.55
C VAL B 16 3.48 -7.79 -20.33
N SER B 17 2.27 -8.31 -20.28
CA SER B 17 1.75 -9.11 -19.19
C SER B 17 0.99 -10.28 -19.79
N PRO B 18 1.50 -11.52 -19.67
CA PRO B 18 0.73 -12.69 -20.11
C PRO B 18 -0.67 -12.75 -19.50
N ALA B 19 -0.86 -12.11 -18.34
CA ALA B 19 -2.16 -12.10 -17.69
C ALA B 19 -3.21 -11.42 -18.54
N CYS B 20 -2.77 -10.54 -19.46
CA CYS B 20 -3.71 -9.92 -20.38
C CYS B 20 -4.36 -10.91 -21.35
N ALA B 21 -3.80 -12.12 -21.49
CA ALA B 21 -4.46 -13.16 -22.29
C ALA B 21 -5.39 -14.04 -21.47
N GLY B 22 -5.76 -13.60 -20.26
CA GLY B 22 -6.62 -14.36 -19.39
C GLY B 22 -8.05 -14.52 -19.89
N ARG B 23 -8.77 -15.45 -19.24
CA ARG B 23 -10.14 -15.74 -19.65
C ARG B 23 -11.17 -14.84 -19.03
N PHE B 24 -10.83 -14.08 -18.01
CA PHE B 24 -11.81 -13.29 -17.28
C PHE B 24 -11.35 -11.84 -17.27
N GLN B 25 -11.29 -11.26 -18.47
CA GLN B 25 -10.77 -9.91 -18.65
C GLN B 25 -11.91 -8.90 -18.70
N SER B 26 -11.52 -7.64 -18.51
CA SER B 26 -12.38 -6.46 -18.62
C SER B 26 -11.83 -5.51 -19.68
N PRO B 27 -12.69 -4.64 -20.25
CA PRO B 27 -14.12 -4.49 -20.01
C PRO B 27 -14.94 -5.53 -20.78
N VAL B 28 -16.25 -5.44 -20.60
CA VAL B 28 -17.20 -6.33 -21.25
C VAL B 28 -18.36 -5.49 -21.78
N ASP B 29 -19.07 -6.09 -22.73
CA ASP B 29 -20.35 -5.59 -23.22
C ASP B 29 -21.44 -6.00 -22.25
N ILE B 30 -22.16 -5.04 -21.70
CA ILE B 30 -23.24 -5.29 -20.75
C ILE B 30 -24.54 -5.40 -21.53
N ARG B 31 -25.27 -6.48 -21.33
CA ARG B 31 -26.53 -6.67 -22.07
C ARG B 31 -27.66 -6.74 -21.05
N PRO B 32 -28.36 -5.63 -20.82
CA PRO B 32 -29.24 -5.55 -19.63
C PRO B 32 -30.28 -6.66 -19.58
N GLN B 33 -30.81 -7.08 -20.72
CA GLN B 33 -31.86 -8.09 -20.70
C GLN B 33 -31.31 -9.49 -20.41
N LEU B 34 -30.01 -9.71 -20.54
CA LEU B 34 -29.40 -10.99 -20.23
C LEU B 34 -28.63 -10.99 -18.91
N ALA B 35 -28.51 -9.86 -18.25
CA ALA B 35 -27.91 -9.84 -16.93
C ALA B 35 -28.80 -10.59 -15.95
N ALA B 36 -28.18 -11.23 -14.96
CA ALA B 36 -28.95 -11.94 -13.93
C ALA B 36 -29.39 -10.97 -12.85
N PHE B 37 -30.71 -10.87 -12.65
CA PHE B 37 -31.24 -9.99 -11.62
C PHE B 37 -31.00 -10.60 -10.25
N CYS B 38 -30.30 -9.88 -9.38
CA CYS B 38 -29.94 -10.37 -8.05
CA CYS B 38 -29.93 -10.36 -8.05
C CYS B 38 -30.43 -9.39 -6.99
N PRO B 39 -31.57 -9.64 -6.36
CA PRO B 39 -32.10 -8.71 -5.35
C PRO B 39 -31.28 -8.65 -4.09
N ALA B 40 -30.31 -9.53 -3.88
CA ALA B 40 -29.44 -9.35 -2.72
C ALA B 40 -28.45 -8.19 -2.89
N LEU B 41 -28.26 -7.69 -4.12
CA LEU B 41 -27.34 -6.56 -4.36
C LEU B 41 -27.96 -5.28 -3.85
N ARG B 42 -27.42 -4.76 -2.76
CA ARG B 42 -27.96 -3.61 -2.05
C ARG B 42 -27.42 -2.32 -2.64
N PRO B 43 -28.05 -1.18 -2.35
CA PRO B 43 -27.52 0.10 -2.84
C PRO B 43 -26.09 0.31 -2.37
N LEU B 44 -25.27 0.87 -3.24
CA LEU B 44 -23.87 1.13 -2.92
C LEU B 44 -23.75 2.16 -1.82
N GLU B 45 -22.81 1.93 -0.90
CA GLU B 45 -22.37 3.15 -0.07
CA GLU B 45 -22.61 3.29 -0.08
C GLU B 45 -21.00 3.83 -0.11
N LEU B 46 -20.93 5.15 -0.33
CA LEU B 46 -19.67 5.86 -0.34
C LEU B 46 -19.47 6.66 0.94
N LEU B 47 -18.37 6.40 1.63
CA LEU B 47 -18.06 7.09 2.88
C LEU B 47 -16.84 7.96 2.69
N GLY B 48 -16.89 9.20 3.21
CA GLY B 48 -15.72 10.08 3.16
C GLY B 48 -15.47 10.77 1.84
N PHE B 49 -16.37 10.64 0.84
CA PHE B 49 -16.13 11.19 -0.49
C PHE B 49 -16.34 12.71 -0.57
N GLN B 50 -16.93 13.34 0.47
CA GLN B 50 -17.19 14.78 0.40
C GLN B 50 -15.99 15.48 1.02
N LEU B 51 -14.97 15.73 0.19
CA LEU B 51 -13.70 16.23 0.70
C LEU B 51 -13.74 17.73 0.91
N PRO B 52 -13.05 18.22 1.93
CA PRO B 52 -12.82 19.64 2.07
C PRO B 52 -11.72 20.11 1.12
N PRO B 53 -11.55 21.42 0.93
CA PRO B 53 -10.55 21.89 -0.05
C PRO B 53 -9.12 21.52 0.27
N LEU B 54 -8.75 21.49 1.56
CA LEU B 54 -7.41 21.10 1.98
C LEU B 54 -7.53 19.85 2.85
N PRO B 55 -6.64 18.87 2.67
CA PRO B 55 -5.49 18.97 1.73
C PRO B 55 -5.81 18.82 0.24
N GLU B 56 -4.89 19.28 -0.58
CA GLU B 56 -5.06 19.17 -2.03
C GLU B 56 -4.69 17.77 -2.49
N LEU B 57 -5.05 17.48 -3.74
CA LEU B 57 -4.92 16.17 -4.36
C LEU B 57 -4.03 16.26 -5.60
N ARG B 58 -3.21 15.23 -5.79
CA ARG B 58 -2.39 15.14 -6.99
C ARG B 58 -3.24 14.82 -8.22
N LEU B 59 -3.03 15.57 -9.30
CA LEU B 59 -3.69 15.33 -10.57
C LEU B 59 -2.60 15.22 -11.62
N ARG B 60 -2.50 14.05 -12.26
CA ARG B 60 -1.32 13.71 -13.05
C ARG B 60 -1.71 13.19 -14.44
N ASN B 61 -0.97 13.64 -15.45
CA ASN B 61 -1.04 13.05 -16.79
C ASN B 61 0.02 11.96 -16.81
N ASN B 62 -0.40 10.69 -16.71
CA ASN B 62 0.57 9.60 -16.70
C ASN B 62 0.82 9.01 -18.10
N GLY B 63 0.28 9.67 -19.13
CA GLY B 63 0.44 9.22 -20.49
C GLY B 63 -0.63 8.21 -20.90
N HIS B 64 -1.23 7.56 -19.91
CA HIS B 64 -2.41 6.73 -20.35
CA HIS B 64 -2.35 6.85 -20.30
C HIS B 64 -3.97 7.21 -19.96
N SER B 65 -3.89 8.21 -19.08
CA SER B 65 -5.06 8.89 -18.63
C SER B 65 -4.68 10.06 -17.76
N VAL B 66 -5.67 10.79 -17.25
CA VAL B 66 -5.44 11.75 -16.18
C VAL B 66 -5.92 11.07 -14.90
N GLN B 67 -5.08 11.07 -13.88
CA GLN B 67 -5.33 10.33 -12.66
C GLN B 67 -5.29 11.27 -11.46
N LEU B 68 -6.34 11.19 -10.63
CA LEU B 68 -6.48 11.97 -9.40
C LEU B 68 -6.22 11.04 -8.22
N THR B 69 -5.22 11.38 -7.40
CA THR B 69 -4.92 10.57 -6.23
C THR B 69 -5.86 10.96 -5.11
N LEU B 70 -6.56 9.97 -4.52
CA LEU B 70 -7.53 10.22 -3.47
C LEU B 70 -6.86 10.08 -2.11
N PRO B 71 -7.27 10.93 -1.15
CA PRO B 71 -6.65 10.89 0.17
C PRO B 71 -7.11 9.66 0.95
N PRO B 72 -6.48 9.35 2.08
CA PRO B 72 -7.00 8.29 2.95
C PRO B 72 -8.42 8.58 3.45
N GLY B 73 -9.12 7.50 3.80
CA GLY B 73 -10.37 7.61 4.50
C GLY B 73 -11.61 7.47 3.64
N LEU B 74 -11.47 7.21 2.34
CA LEU B 74 -12.62 7.08 1.46
C LEU B 74 -12.92 5.61 1.27
N GLU B 75 -14.17 5.21 1.53
CA GLU B 75 -14.54 3.81 1.42
C GLU B 75 -15.81 3.59 0.59
N MET B 76 -15.83 2.46 -0.11
CA MET B 76 -17.02 2.01 -0.82
C MET B 76 -17.47 0.69 -0.20
N ALA B 77 -18.76 0.61 0.19
CA ALA B 77 -19.33 -0.61 0.75
C ALA B 77 -20.14 -1.30 -0.35
N LEU B 78 -19.77 -2.52 -0.71
CA LEU B 78 -20.54 -3.28 -1.70
C LEU B 78 -21.54 -4.20 -1.05
N GLY B 79 -21.43 -4.40 0.26
CA GLY B 79 -22.35 -5.27 0.98
C GLY B 79 -21.90 -5.51 2.41
N PRO B 80 -22.66 -5.87 3.25
CA PRO B 80 -22.25 -5.98 4.64
C PRO B 80 -20.94 -6.74 4.78
N GLY B 81 -20.05 -6.12 5.51
CA GLY B 81 -18.71 -6.60 5.71
C GLY B 81 -17.79 -6.57 4.50
N ARG B 82 -18.16 -5.85 3.43
CA ARG B 82 -17.43 -5.94 2.19
C ARG B 82 -17.01 -4.58 1.61
N GLU B 83 -16.03 -4.06 2.27
CA GLU B 83 -15.59 -2.67 2.14
C GLU B 83 -14.32 -2.58 1.29
N TYR B 84 -14.10 -1.41 0.71
CA TYR B 84 -12.94 -1.18 -0.15
C TYR B 84 -12.50 0.25 0.04
N ARG B 85 -11.18 0.47 0.07
CA ARG B 85 -10.64 1.81 0.26
C ARG B 85 -10.30 2.44 -1.10
N ALA B 86 -10.80 3.65 -1.34
CA ALA B 86 -10.59 4.28 -2.65
C ALA B 86 -9.17 4.85 -2.74
N LEU B 87 -8.49 4.58 -3.85
CA LEU B 87 -7.10 4.99 -4.06
C LEU B 87 -6.97 6.14 -5.05
N GLN B 88 -7.72 6.09 -6.13
CA GLN B 88 -7.49 7.02 -7.23
C GLN B 88 -8.66 6.90 -8.19
N LEU B 89 -8.85 7.93 -8.99
CA LEU B 89 -9.79 7.83 -10.11
C LEU B 89 -9.10 8.33 -11.38
N HIS B 90 -9.59 7.86 -12.52
CA HIS B 90 -9.06 8.25 -13.83
C HIS B 90 -10.14 8.03 -14.87
N LEU B 91 -9.86 8.45 -16.11
CA LEU B 91 -10.89 8.56 -17.14
CA LEU B 91 -10.92 8.47 -17.12
C LEU B 91 -10.45 7.84 -18.41
N HIS B 92 -11.42 7.43 -19.21
CA HIS B 92 -11.15 6.87 -20.52
C HIS B 92 -12.00 7.64 -21.52
N TRP B 93 -11.44 7.96 -22.69
CA TRP B 93 -12.17 8.83 -23.61
C TRP B 93 -11.78 8.52 -25.06
N GLY B 94 -12.47 9.22 -25.98
CA GLY B 94 -12.31 8.95 -27.41
C GLY B 94 -11.46 9.98 -28.14
N ALA B 95 -12.05 10.57 -29.18
CA ALA B 95 -11.38 11.58 -30.00
C ALA B 95 -12.46 12.34 -30.74
N ALA B 96 -12.06 13.35 -31.48
CA ALA B 96 -13.01 14.05 -32.34
C ALA B 96 -13.89 13.08 -33.10
N GLY B 97 -15.20 13.15 -32.85
CA GLY B 97 -16.15 12.30 -33.54
C GLY B 97 -16.17 10.85 -33.12
N ARG B 98 -15.60 10.51 -31.94
CA ARG B 98 -15.48 9.10 -31.59
C ARG B 98 -15.68 8.93 -30.08
N PRO B 99 -16.62 8.09 -29.66
CA PRO B 99 -16.73 7.77 -28.23
C PRO B 99 -15.60 6.88 -27.75
N GLY B 100 -15.40 6.88 -26.42
CA GLY B 100 -14.27 6.21 -25.83
C GLY B 100 -14.50 5.56 -24.49
N SER B 101 -15.76 5.24 -24.15
CA SER B 101 -15.97 4.41 -22.96
C SER B 101 -15.38 3.00 -23.14
N GLU B 102 -15.07 2.37 -22.01
CA GLU B 102 -14.51 1.02 -22.03
C GLU B 102 -15.63 -0.02 -22.05
N HIS B 103 -16.50 0.00 -21.04
CA HIS B 103 -17.69 -0.84 -21.11
C HIS B 103 -18.62 -0.32 -22.20
N THR B 104 -19.35 -1.23 -22.80
CA THR B 104 -20.44 -0.86 -23.71
C THR B 104 -21.74 -1.46 -23.19
N VAL B 105 -22.88 -0.90 -23.62
CA VAL B 105 -24.20 -1.42 -23.23
C VAL B 105 -24.96 -1.78 -24.51
N GLU B 106 -25.26 -3.07 -24.68
CA GLU B 106 -25.83 -3.60 -25.92
C GLU B 106 -25.06 -3.08 -27.13
N GLY B 107 -23.74 -3.07 -27.04
CA GLY B 107 -22.89 -2.63 -28.13
C GLY B 107 -22.71 -1.14 -28.28
N HIS B 108 -23.41 -0.34 -27.49
CA HIS B 108 -23.28 1.11 -27.54
C HIS B 108 -22.10 1.61 -26.70
N ARG B 109 -21.21 2.37 -27.34
CA ARG B 109 -20.08 3.01 -26.67
C ARG B 109 -20.45 4.43 -26.28
N PHE B 110 -20.24 4.77 -25.00
CA PHE B 110 -20.53 6.13 -24.55
C PHE B 110 -19.33 7.04 -24.76
N PRO B 111 -19.53 8.36 -24.69
CA PRO B 111 -18.39 9.27 -24.96
C PRO B 111 -17.18 9.02 -24.07
N ALA B 112 -17.38 8.80 -22.77
CA ALA B 112 -16.24 8.60 -21.87
C ALA B 112 -16.70 7.80 -20.66
N GLU B 113 -15.73 7.44 -19.79
CA GLU B 113 -16.01 6.59 -18.63
C GLU B 113 -15.05 7.00 -17.51
N ILE B 114 -15.56 7.02 -16.28
CA ILE B 114 -14.75 7.29 -15.08
C ILE B 114 -14.62 6.01 -14.29
N HIS B 115 -13.42 5.79 -13.77
CA HIS B 115 -13.09 4.62 -12.93
C HIS B 115 -12.59 5.10 -11.61
N VAL B 116 -13.14 4.57 -10.53
CA VAL B 116 -12.62 4.82 -9.18
C VAL B 116 -12.11 3.50 -8.64
N VAL B 117 -10.79 3.40 -8.42
CA VAL B 117 -10.12 2.15 -8.11
C VAL B 117 -9.94 2.01 -6.61
N HIS B 118 -10.29 0.83 -6.07
CA HIS B 118 -10.29 0.60 -4.63
C HIS B 118 -9.57 -0.67 -4.28
N LEU B 119 -9.02 -0.70 -3.05
CA LEU B 119 -8.36 -1.88 -2.50
C LEU B 119 -9.20 -2.45 -1.37
N SER B 120 -9.43 -3.77 -1.40
CA SER B 120 -10.14 -4.41 -0.30
C SER B 120 -9.47 -4.07 1.04
N THR B 121 -10.30 -3.91 2.08
CA THR B 121 -9.79 -3.63 3.42
C THR B 121 -8.92 -4.75 3.97
N ALA B 122 -8.90 -5.92 3.36
CA ALA B 122 -8.03 -7.04 3.75
C ALA B 122 -6.56 -6.81 3.44
N PHE B 123 -6.24 -5.82 2.62
CA PHE B 123 -4.87 -5.61 2.16
C PHE B 123 -4.33 -4.26 2.57
N ALA B 124 -3.02 -4.26 2.81
CA ALA B 124 -2.25 -3.08 3.08
C ALA B 124 -1.44 -2.64 1.87
N ARG B 125 -1.43 -3.43 0.80
CA ARG B 125 -0.55 -3.20 -0.36
C ARG B 125 -1.30 -3.59 -1.62
N VAL B 126 -1.44 -2.62 -2.54
CA VAL B 126 -2.10 -2.92 -3.82
C VAL B 126 -1.44 -4.09 -4.50
N ASP B 127 -0.10 -4.11 -4.51
CA ASP B 127 0.62 -5.13 -5.27
C ASP B 127 0.27 -6.54 -4.80
N GLU B 128 -0.04 -6.72 -3.50
CA GLU B 128 -0.40 -8.03 -2.97
C GLU B 128 -1.83 -8.43 -3.34
N ALA B 129 -2.67 -7.47 -3.69
CA ALA B 129 -4.04 -7.78 -4.04
C ALA B 129 -4.22 -8.17 -5.50
N LEU B 130 -3.23 -7.83 -6.34
CA LEU B 130 -3.33 -8.12 -7.77
C LEU B 130 -3.54 -9.60 -7.99
N GLY B 131 -4.54 -9.91 -8.81
CA GLY B 131 -4.84 -11.29 -9.17
C GLY B 131 -5.60 -12.08 -8.11
N ARG B 132 -5.85 -11.50 -6.94
CA ARG B 132 -6.58 -12.21 -5.90
C ARG B 132 -8.07 -11.95 -5.99
N PRO B 133 -8.91 -12.95 -5.73
CA PRO B 133 -10.36 -12.77 -5.93
C PRO B 133 -10.91 -11.73 -4.98
N GLY B 134 -11.47 -10.66 -5.54
CA GLY B 134 -12.04 -9.63 -4.72
C GLY B 134 -11.03 -8.68 -4.14
N GLY B 135 -9.75 -8.74 -4.54
CA GLY B 135 -8.74 -7.91 -3.90
C GLY B 135 -8.86 -6.45 -4.27
N LEU B 136 -9.25 -6.17 -5.51
CA LEU B 136 -9.50 -4.82 -5.99
C LEU B 136 -10.96 -4.71 -6.42
N ALA B 137 -11.47 -3.47 -6.37
CA ALA B 137 -12.82 -3.19 -6.85
C ALA B 137 -12.79 -1.87 -7.61
N VAL B 138 -13.39 -1.84 -8.78
CA VAL B 138 -13.47 -0.61 -9.54
C VAL B 138 -14.94 -0.21 -9.68
N LEU B 139 -15.24 1.06 -9.40
CA LEU B 139 -16.55 1.65 -9.62
C LEU B 139 -16.51 2.49 -10.89
N ALA B 140 -17.40 2.21 -11.83
CA ALA B 140 -17.37 2.84 -13.16
C ALA B 140 -18.70 3.52 -13.48
N ALA B 141 -18.63 4.68 -14.10
CA ALA B 141 -19.84 5.33 -14.62
C ALA B 141 -19.57 5.85 -16.01
N PHE B 142 -20.62 5.85 -16.84
CA PHE B 142 -20.50 6.42 -18.18
C PHE B 142 -20.71 7.93 -18.15
N LEU B 143 -19.94 8.62 -18.99
CA LEU B 143 -20.08 10.06 -19.22
CA LEU B 143 -20.09 10.06 -19.22
C LEU B 143 -20.77 10.25 -20.57
N GLU B 144 -21.93 10.91 -20.54
CA GLU B 144 -22.72 11.12 -21.75
C GLU B 144 -22.72 12.61 -22.10
N GLU B 145 -22.99 12.88 -23.37
CA GLU B 145 -23.10 14.24 -23.89
C GLU B 145 -24.47 14.82 -23.59
N GLY B 146 -24.49 16.02 -23.04
CA GLY B 146 -25.72 16.73 -22.77
C GLY B 146 -25.54 18.20 -23.06
N PRO B 147 -26.62 18.97 -22.91
CA PRO B 147 -26.56 20.40 -23.24
C PRO B 147 -25.86 21.28 -22.22
N GLU B 148 -25.78 20.85 -20.95
CA GLU B 148 -25.36 21.76 -19.89
C GLU B 148 -23.96 21.44 -19.40
N GLU B 149 -23.24 22.48 -19.03
CA GLU B 149 -21.93 22.30 -18.40
C GLU B 149 -22.10 21.59 -17.07
N ASN B 150 -21.27 20.57 -16.81
CA ASN B 150 -21.28 19.87 -15.53
C ASN B 150 -20.31 20.58 -14.57
N SER B 151 -20.85 21.20 -13.52
CA SER B 151 -20.01 22.02 -12.66
CA SER B 151 -20.01 22.03 -12.64
C SER B 151 -19.02 21.19 -11.86
N ALA B 152 -19.40 19.98 -11.45
CA ALA B 152 -18.47 19.14 -10.69
C ALA B 152 -17.27 18.77 -11.54
N TYR B 153 -17.53 18.36 -12.80
CA TYR B 153 -16.40 17.98 -13.65
C TYR B 153 -15.54 19.17 -14.03
N GLU B 154 -16.13 20.37 -14.14
CA GLU B 154 -15.36 21.53 -14.54
C GLU B 154 -14.21 21.78 -13.59
N GLN B 155 -14.37 21.42 -12.32
CA GLN B 155 -13.28 21.60 -11.36
C GLN B 155 -12.01 20.86 -11.78
N LEU B 156 -12.15 19.68 -12.39
CA LEU B 156 -10.99 18.96 -12.89
C LEU B 156 -10.67 19.33 -14.34
N LEU B 157 -11.69 19.43 -15.23
CA LEU B 157 -11.40 19.65 -16.65
C LEU B 157 -10.71 20.98 -16.89
N SER B 158 -11.03 22.00 -16.08
CA SER B 158 -10.39 23.30 -16.20
C SER B 158 -8.91 23.26 -15.82
N ARG B 159 -8.44 22.20 -15.18
CA ARG B 159 -7.02 22.11 -14.83
C ARG B 159 -6.20 21.26 -15.78
N LEU B 160 -6.81 20.60 -16.79
CA LEU B 160 -6.03 19.73 -17.66
C LEU B 160 -5.00 20.48 -18.51
N GLU B 161 -5.28 21.75 -18.89
CA GLU B 161 -4.26 22.50 -19.64
C GLU B 161 -2.96 22.58 -18.87
N GLU B 162 -3.02 22.58 -17.53
CA GLU B 162 -1.82 22.62 -16.72
C GLU B 162 -1.00 21.36 -16.79
N ILE B 163 -1.60 20.23 -17.19
CA ILE B 163 -0.88 18.97 -17.21
C ILE B 163 -0.91 18.38 -18.64
N ALA B 164 -0.92 19.25 -19.65
CA ALA B 164 -0.95 18.77 -21.04
C ALA B 164 0.24 17.89 -21.38
N GLU B 165 1.41 18.23 -20.91
CA GLU B 165 2.57 17.39 -21.14
C GLU B 165 2.53 16.06 -20.45
N GLU B 166 2.83 15.03 -21.21
CA GLU B 166 2.99 13.70 -20.56
CA GLU B 166 3.02 13.71 -20.49
C GLU B 166 4.00 13.54 -19.31
N GLY B 167 3.44 13.15 -18.23
CA GLY B 167 4.15 13.01 -17.00
C GLY B 167 4.08 14.26 -16.16
N SER B 168 3.39 15.30 -16.58
N SER B 168 3.41 15.31 -16.58
CA SER B 168 3.21 16.48 -15.74
CA SER B 168 3.27 16.47 -15.71
C SER B 168 2.12 16.24 -14.69
C SER B 168 2.11 16.30 -14.73
N GLU B 169 2.19 17.04 -13.63
CA GLU B 169 1.22 16.95 -12.56
C GLU B 169 1.06 18.30 -11.87
N THR B 170 -0.06 18.43 -11.18
CA THR B 170 -0.35 19.64 -10.41
C THR B 170 -1.16 19.18 -9.20
N GLN B 171 -1.56 20.14 -8.38
CA GLN B 171 -2.36 19.89 -7.19
C GLN B 171 -3.67 20.62 -7.33
N VAL B 172 -4.77 19.96 -6.99
CA VAL B 172 -6.10 20.55 -7.05
C VAL B 172 -6.77 20.50 -5.69
N PRO B 173 -7.65 21.44 -5.33
CA PRO B 173 -8.30 21.33 -4.03
C PRO B 173 -9.24 20.14 -3.96
N GLY B 174 -9.38 19.62 -2.74
CA GLY B 174 -10.40 18.64 -2.48
C GLY B 174 -11.75 19.09 -3.00
N LEU B 175 -12.53 18.12 -3.46
CA LEU B 175 -13.84 18.34 -4.02
C LEU B 175 -14.72 17.15 -3.62
N ASP B 176 -16.02 17.28 -3.89
CA ASP B 176 -16.99 16.21 -3.60
C ASP B 176 -16.84 15.15 -4.68
N ILE B 177 -16.11 14.08 -4.37
CA ILE B 177 -15.89 13.02 -5.36
C ILE B 177 -17.21 12.38 -5.77
N SER B 178 -18.18 12.27 -4.86
CA SER B 178 -19.44 11.66 -5.25
CA SER B 178 -19.47 11.68 -5.20
C SER B 178 -20.22 12.49 -6.26
N ALA B 179 -19.96 13.80 -6.36
CA ALA B 179 -20.61 14.60 -7.40
C ALA B 179 -20.07 14.32 -8.79
N LEU B 180 -19.01 13.52 -8.91
CA LEU B 180 -18.54 13.03 -10.21
C LEU B 180 -19.27 11.77 -10.65
N LEU B 181 -20.16 11.26 -9.81
CA LEU B 181 -20.78 9.97 -10.02
C LEU B 181 -22.29 10.17 -10.05
N PRO B 182 -23.02 9.22 -10.62
CA PRO B 182 -24.49 9.33 -10.61
C PRO B 182 -25.03 9.33 -9.19
N SER B 183 -26.24 9.87 -9.04
CA SER B 183 -26.92 9.92 -7.75
CA SER B 183 -26.85 9.90 -7.73
C SER B 183 -27.65 8.63 -7.42
N ASP B 184 -28.00 7.82 -8.43
CA ASP B 184 -28.74 6.58 -8.16
C ASP B 184 -27.76 5.45 -7.82
N PHE B 185 -27.63 5.12 -6.53
CA PHE B 185 -26.76 4.04 -6.09
C PHE B 185 -27.44 2.68 -6.08
N SER B 186 -28.72 2.61 -6.48
CA SER B 186 -29.46 1.36 -6.36
C SER B 186 -29.44 0.54 -7.63
N ARG B 187 -29.14 1.14 -8.79
CA ARG B 187 -29.21 0.46 -10.08
C ARG B 187 -27.81 0.33 -10.64
N TYR B 188 -27.27 -0.88 -10.61
CA TYR B 188 -25.93 -1.07 -11.17
C TYR B 188 -25.78 -2.51 -11.64
N PHE B 189 -24.72 -2.75 -12.42
CA PHE B 189 -24.33 -4.07 -12.86
C PHE B 189 -23.05 -4.45 -12.15
N GLN B 190 -22.83 -5.75 -11.92
CA GLN B 190 -21.62 -6.13 -11.20
C GLN B 190 -21.11 -7.45 -11.75
N TYR B 191 -19.79 -7.57 -11.94
CA TYR B 191 -19.21 -8.80 -12.46
C TYR B 191 -17.74 -8.87 -12.05
N GLU B 192 -17.13 -10.04 -12.22
CA GLU B 192 -15.72 -10.22 -11.86
C GLU B 192 -14.88 -10.21 -13.11
N GLY B 193 -13.82 -9.38 -13.11
CA GLY B 193 -13.00 -9.17 -14.30
C GLY B 193 -11.58 -8.86 -13.95
N SER B 194 -10.99 -7.90 -14.66
CA SER B 194 -9.57 -7.60 -14.57
C SER B 194 -9.32 -6.10 -14.61
N LEU B 195 -8.09 -5.71 -14.30
CA LEU B 195 -7.62 -4.40 -14.71
C LEU B 195 -7.72 -4.29 -16.25
N THR B 196 -8.05 -3.10 -16.75
CA THR B 196 -8.17 -2.92 -18.22
C THR B 196 -6.88 -2.38 -18.86
N THR B 197 -5.80 -2.29 -18.12
CA THR B 197 -4.47 -1.96 -18.61
C THR B 197 -3.53 -3.02 -18.08
N PRO B 198 -2.37 -3.20 -18.70
CA PRO B 198 -1.38 -4.08 -18.11
C PRO B 198 -1.13 -3.66 -16.68
N PRO B 199 -0.99 -4.58 -15.76
CA PRO B 199 -0.79 -6.03 -15.97
C PRO B 199 -2.06 -6.88 -16.12
N CYS B 200 -3.24 -6.28 -16.30
CA CYS B 200 -4.48 -7.00 -16.58
C CYS B 200 -4.82 -8.05 -15.54
N ALA B 201 -4.43 -7.84 -14.28
CA ALA B 201 -4.67 -8.83 -13.24
C ALA B 201 -6.16 -9.05 -12.98
N GLN B 202 -6.54 -10.33 -12.83
CA GLN B 202 -7.92 -10.75 -12.68
C GLN B 202 -8.30 -10.73 -11.20
N GLY B 203 -9.55 -11.04 -10.90
CA GLY B 203 -10.07 -10.97 -9.55
C GLY B 203 -10.70 -9.65 -9.17
N VAL B 204 -10.83 -8.73 -10.12
CA VAL B 204 -11.31 -7.37 -9.83
C VAL B 204 -12.83 -7.40 -9.83
N ILE B 205 -13.46 -6.84 -8.80
CA ILE B 205 -14.92 -6.69 -8.79
C ILE B 205 -15.26 -5.39 -9.46
N TRP B 206 -15.97 -5.47 -10.59
CA TRP B 206 -16.45 -4.30 -11.33
C TRP B 206 -17.89 -4.00 -10.98
N THR B 207 -18.18 -2.75 -10.71
CA THR B 207 -19.54 -2.26 -10.47
C THR B 207 -19.75 -1.09 -11.41
N VAL B 208 -20.76 -1.17 -12.27
CA VAL B 208 -21.02 -0.19 -13.34
C VAL B 208 -22.40 0.39 -13.10
N PHE B 209 -22.45 1.69 -12.87
CA PHE B 209 -23.74 2.36 -12.68
C PHE B 209 -24.61 2.26 -13.93
N ASN B 210 -25.91 2.06 -13.73
CA ASN B 210 -26.82 2.11 -14.86
C ASN B 210 -27.15 3.56 -15.27
N GLN B 211 -27.19 4.49 -14.32
CA GLN B 211 -27.44 5.90 -14.63
C GLN B 211 -26.15 6.57 -15.11
N THR B 212 -26.23 7.44 -16.10
CA THR B 212 -25.10 8.15 -16.63
C THR B 212 -24.89 9.50 -15.97
N VAL B 213 -23.71 10.04 -16.15
CA VAL B 213 -23.39 11.41 -15.86
C VAL B 213 -23.33 12.22 -17.16
N MET B 214 -23.87 13.43 -17.13
CA MET B 214 -23.82 14.29 -18.30
C MET B 214 -22.76 15.43 -18.34
N LEU B 215 -21.99 15.47 -19.38
CA LEU B 215 -21.03 16.52 -19.64
C LEU B 215 -21.41 17.27 -20.92
N SER B 216 -21.08 18.53 -20.98
CA SER B 216 -21.29 19.23 -22.24
C SER B 216 -20.32 18.77 -23.36
N ALA B 217 -20.68 19.06 -24.60
CA ALA B 217 -19.83 18.73 -25.71
C ALA B 217 -18.52 19.44 -25.59
N LYS B 218 -18.57 20.66 -25.07
CA LYS B 218 -17.33 21.42 -24.88
CA LYS B 218 -17.39 21.36 -24.90
C LYS B 218 -16.29 21.11 -23.64
N GLN B 219 -16.97 20.24 -22.80
CA GLN B 219 -16.26 19.53 -21.77
C GLN B 219 -15.68 18.22 -22.34
N LEU B 220 -16.47 17.49 -23.12
CA LEU B 220 -15.94 16.25 -23.68
C LEU B 220 -14.80 16.55 -24.64
N HIS B 221 -14.85 17.69 -25.35
CA HIS B 221 -13.70 18.09 -26.18
C HIS B 221 -12.49 18.43 -25.33
N THR B 222 -12.70 19.18 -24.25
CA THR B 222 -11.59 19.46 -23.35
C THR B 222 -10.94 18.18 -22.83
N LEU B 223 -11.76 17.21 -22.41
CA LEU B 223 -11.19 15.93 -21.92
C LEU B 223 -10.38 15.23 -22.98
N SER B 224 -10.84 15.22 -24.22
CA SER B 224 -10.23 14.37 -25.22
C SER B 224 -9.21 15.10 -26.09
N ASP B 225 -9.04 16.41 -25.95
CA ASP B 225 -8.12 17.09 -26.85
C ASP B 225 -7.10 17.97 -26.12
N THR B 226 -6.90 17.76 -24.83
CA THR B 226 -5.97 18.59 -24.08
C THR B 226 -4.65 17.89 -23.78
N LEU B 227 -4.69 16.60 -23.43
CA LEU B 227 -3.49 15.92 -22.93
C LEU B 227 -2.68 15.27 -24.05
N TRP B 228 -1.37 15.25 -23.88
CA TRP B 228 -0.47 14.54 -24.78
C TRP B 228 0.05 13.25 -24.14
N GLY B 229 0.31 12.24 -24.97
CA GLY B 229 0.69 10.95 -24.48
C GLY B 229 2.02 10.44 -24.99
N PRO B 230 2.17 9.11 -25.07
CA PRO B 230 3.43 8.54 -25.54
C PRO B 230 3.68 8.91 -27.00
N GLY B 231 4.94 8.76 -27.39
CA GLY B 231 5.34 9.43 -28.59
C GLY B 231 5.13 10.92 -28.41
N ASP B 232 4.91 11.60 -29.53
CA ASP B 232 4.48 12.99 -29.52
C ASP B 232 3.05 13.10 -30.03
N SER B 233 2.17 12.22 -29.55
CA SER B 233 0.80 12.20 -30.03
C SER B 233 -0.17 12.54 -28.91
N ARG B 234 -1.32 13.03 -29.32
CA ARG B 234 -2.38 13.34 -28.37
C ARG B 234 -2.82 12.07 -27.64
N LEU B 235 -3.15 12.24 -26.35
CA LEU B 235 -3.70 11.14 -25.55
C LEU B 235 -5.19 11.02 -25.90
N GLN B 236 -5.51 10.02 -26.73
CA GLN B 236 -6.85 9.84 -27.27
C GLN B 236 -7.12 8.36 -27.43
N LEU B 237 -8.40 7.98 -27.47
CA LEU B 237 -8.79 6.57 -27.71
C LEU B 237 -8.14 5.64 -26.70
N ASN B 238 -8.11 6.08 -25.44
CA ASN B 238 -7.38 5.35 -24.40
C ASN B 238 -8.32 4.37 -23.70
N PHE B 239 -8.85 3.43 -24.50
CA PHE B 239 -9.74 2.38 -24.01
C PHE B 239 -9.38 1.05 -24.67
N ARG B 240 -9.70 -0.02 -23.96
CA ARG B 240 -9.45 -1.40 -24.38
C ARG B 240 -10.71 -2.00 -24.95
N ALA B 241 -10.58 -2.87 -25.95
CA ALA B 241 -11.75 -3.55 -26.50
C ALA B 241 -12.43 -4.42 -25.47
N THR B 242 -13.74 -4.61 -25.62
CA THR B 242 -14.45 -5.52 -24.72
C THR B 242 -14.02 -6.95 -24.98
N GLN B 243 -14.19 -7.77 -23.94
CA GLN B 243 -13.56 -9.08 -23.82
C GLN B 243 -14.59 -10.20 -23.74
N PRO B 244 -14.21 -11.42 -24.19
CA PRO B 244 -15.11 -12.57 -24.10
C PRO B 244 -15.57 -12.86 -22.68
N LEU B 245 -16.85 -13.22 -22.55
CA LEU B 245 -17.44 -13.51 -21.24
C LEU B 245 -16.90 -14.78 -20.63
N ASN B 246 -16.74 -15.83 -21.45
CA ASN B 246 -16.24 -17.14 -21.00
C ASN B 246 -17.06 -17.67 -19.83
N GLY B 247 -18.38 -17.54 -19.95
CA GLY B 247 -19.32 -18.15 -19.06
C GLY B 247 -19.61 -17.32 -17.83
N ARG B 248 -18.97 -16.15 -17.70
CA ARG B 248 -19.27 -15.27 -16.58
C ARG B 248 -20.70 -14.76 -16.65
N VAL B 249 -21.28 -14.57 -15.47
CA VAL B 249 -22.60 -13.99 -15.33
C VAL B 249 -22.43 -12.54 -14.91
N ILE B 250 -23.06 -11.62 -15.65
CA ILE B 250 -23.14 -10.23 -15.22
C ILE B 250 -24.41 -10.10 -14.40
N GLU B 251 -24.29 -9.61 -13.16
CA GLU B 251 -25.46 -9.44 -12.30
C GLU B 251 -25.97 -8.02 -12.41
N ALA B 252 -27.27 -7.86 -12.20
CA ALA B 252 -27.89 -6.54 -12.13
C ALA B 252 -28.60 -6.41 -10.79
N SER B 253 -28.53 -5.22 -10.20
CA SER B 253 -29.15 -4.99 -8.90
C SER B 253 -30.62 -4.61 -9.01
N PHE B 254 -31.19 -4.65 -10.20
CA PHE B 254 -32.53 -4.14 -10.50
C PHE B 254 -33.03 -4.93 -11.68
N PRO B 255 -34.34 -5.10 -11.82
CA PRO B 255 -34.86 -5.87 -12.97
C PRO B 255 -34.57 -5.09 -14.24
N ALA B 256 -33.53 -5.54 -14.93
CA ALA B 256 -33.00 -4.80 -16.07
C ALA B 256 -33.57 -5.27 -17.39
N GLY B 257 -34.19 -6.46 -17.42
CA GLY B 257 -35.07 -6.85 -18.49
C GLY B 257 -36.36 -6.09 -18.52
N VAL B 258 -36.56 -5.24 -17.51
CA VAL B 258 -37.66 -4.29 -17.45
C VAL B 258 -37.09 -2.89 -17.23
#